data_7EJS
#
_entry.id   7EJS
#
_cell.length_a   44.825
_cell.length_b   52.528
_cell.length_c   125.119
_cell.angle_alpha   90.000
_cell.angle_beta   90.000
_cell.angle_gamma   90.000
#
_symmetry.space_group_name_H-M   'P 21 21 21'
#
loop_
_entity.id
_entity.type
_entity.pdbx_description
1 polymer 'Enhancer of rudimentary homolog 2,Protein pid-3'
2 water water
#
_entity_poly.entity_id   1
_entity_poly.type   'polypeptide(L)'
_entity_poly.pdbx_seq_one_letter_code
;MSTSSHTVLLIQTSPRLDSRTWGDYESVTDALDALCKMFEDFLSKKSAAPVTYDVSQVYEFLDKLSDVSMMIFNRETGQY
IGRTRAWIKQQVYEMMRGRCQHPGSSGSSGSSGSSGSSGSSGSSEDIKDSVFKVLHAEEEPRGAD
;
_entity_poly.pdbx_strand_id   A,B
#
# COMPACT_ATOMS: atom_id res chain seq x y z
N SER A 5 -13.75 6.81 10.26
CA SER A 5 -12.43 7.28 9.82
C SER A 5 -11.72 6.26 8.93
N HIS A 6 -11.84 6.46 7.62
CA HIS A 6 -11.17 5.60 6.64
C HIS A 6 -9.70 5.40 6.98
N THR A 7 -9.26 4.14 6.98
CA THR A 7 -7.92 3.79 7.44
C THR A 7 -7.24 2.85 6.45
N VAL A 8 -6.03 3.19 6.06
CA VAL A 8 -5.21 2.34 5.19
C VAL A 8 -4.14 1.67 6.04
N LEU A 9 -4.08 0.35 5.94
CA LEU A 9 -3.10 -0.46 6.67
C LEU A 9 -1.99 -0.86 5.70
N LEU A 10 -0.80 -0.29 5.90
CA LEU A 10 0.37 -0.58 5.09
C LEU A 10 1.21 -1.64 5.79
N ILE A 11 1.43 -2.76 5.12
CA ILE A 11 2.21 -3.86 5.69
C ILE A 11 3.28 -4.26 4.68
N GLN A 12 4.47 -4.54 5.18
CA GLN A 12 5.52 -5.21 4.41
C GLN A 12 5.97 -6.41 5.22
N THR A 13 5.72 -7.62 4.71
CA THR A 13 5.90 -8.81 5.52
C THR A 13 7.35 -9.29 5.57
N SER A 14 8.10 -9.12 4.47
CA SER A 14 9.48 -9.57 4.45
C SER A 14 10.38 -8.40 4.05
N PRO A 15 11.71 -8.52 4.07
CA PRO A 15 12.57 -7.41 3.62
C PRO A 15 12.44 -7.09 2.14
N ARG A 16 11.77 -7.93 1.36
CA ARG A 16 11.60 -7.65 -0.06
C ARG A 16 10.58 -6.55 -0.25
N LEU A 17 10.91 -5.59 -1.11
CA LEU A 17 9.97 -4.50 -1.38
C LEU A 17 8.69 -5.04 -2.01
N ASP A 18 8.74 -6.19 -2.68
CA ASP A 18 7.54 -6.73 -3.32
C ASP A 18 6.65 -7.47 -2.34
N SER A 19 7.00 -7.50 -1.05
CA SER A 19 6.10 -8.01 -0.02
C SER A 19 5.22 -6.92 0.55
N ARG A 20 5.31 -5.70 0.02
CA ARG A 20 4.46 -4.61 0.47
C ARG A 20 3.06 -4.78 -0.09
N THR A 21 2.09 -4.85 0.81
CA THR A 21 0.67 -4.93 0.45
C THR A 21 -0.10 -3.99 1.36
N TRP A 22 -1.37 -3.77 1.04
CA TRP A 22 -2.18 -2.91 1.88
C TRP A 22 -3.64 -3.36 1.87
N GLY A 23 -4.35 -2.93 2.92
CA GLY A 23 -5.79 -3.03 2.95
C GLY A 23 -6.35 -1.77 3.58
N ASP A 24 -7.62 -1.50 3.31
CA ASP A 24 -8.24 -0.31 3.89
C ASP A 24 -9.55 -0.68 4.56
N TYR A 25 -9.96 0.18 5.49
CA TYR A 25 -10.98 -0.16 6.46
C TYR A 25 -11.84 1.07 6.74
N GLU A 26 -13.05 0.82 7.23
CA GLU A 26 -13.96 1.90 7.58
C GLU A 26 -13.53 2.65 8.83
N SER A 27 -12.70 2.05 9.67
CA SER A 27 -12.27 2.71 10.91
C SER A 27 -11.00 2.05 11.41
N VAL A 28 -10.28 2.78 12.27
CA VAL A 28 -9.08 2.24 12.90
C VAL A 28 -9.39 0.96 13.65
N THR A 29 -10.54 0.92 14.33
CA THR A 29 -10.95 -0.25 15.07
C THR A 29 -10.84 -1.50 14.20
N ASP A 30 -11.50 -1.48 13.04
CA ASP A 30 -11.44 -2.60 12.13
C ASP A 30 -10.03 -2.87 11.63
N ALA A 31 -9.26 -1.81 11.37
CA ALA A 31 -7.88 -2.02 10.94
C ALA A 31 -7.07 -2.72 12.04
N LEU A 32 -7.25 -2.30 13.29
CA LEU A 32 -6.51 -2.93 14.38
C LEU A 32 -7.05 -4.33 14.66
N ASP A 33 -8.35 -4.51 14.54
CA ASP A 33 -8.93 -5.84 14.69
C ASP A 33 -8.43 -6.77 13.58
N ALA A 34 -8.17 -6.23 12.40
CA ALA A 34 -7.56 -7.02 11.33
C ALA A 34 -6.19 -7.53 11.75
N LEU A 35 -5.36 -6.64 12.31
CA LEU A 35 -4.07 -7.07 12.83
C LEU A 35 -4.22 -8.15 13.90
N CYS A 36 -5.20 -8.01 14.80
CA CYS A 36 -5.41 -9.05 15.81
C CYS A 36 -5.78 -10.37 15.17
N LYS A 37 -6.62 -10.35 14.14
CA LYS A 37 -6.96 -11.59 13.45
C LYS A 37 -5.73 -12.18 12.78
N MET A 38 -4.90 -11.33 12.16
CA MET A 38 -3.64 -11.81 11.58
C MET A 38 -2.79 -12.51 12.63
N PHE A 39 -2.60 -11.86 13.78
CA PHE A 39 -1.80 -12.43 14.86
C PHE A 39 -2.34 -13.79 15.30
N GLU A 40 -3.63 -13.83 15.67
CA GLU A 40 -4.16 -15.10 16.18
C GLU A 40 -4.36 -16.13 15.09
N ASP A 41 -4.45 -15.70 13.82
CA ASP A 41 -4.38 -16.71 12.76
C ASP A 41 -2.97 -17.26 12.65
N PHE A 42 -1.96 -16.42 12.89
CA PHE A 42 -0.57 -16.85 12.81
C PHE A 42 -0.20 -17.79 13.96
N LEU A 43 -0.56 -17.44 15.19
CA LEU A 43 -0.24 -18.30 16.33
C LEU A 43 -0.99 -19.63 16.23
N SER A 44 -2.23 -19.60 15.75
CA SER A 44 -2.98 -20.83 15.57
C SER A 44 -2.39 -21.66 14.42
N LYS A 45 -1.90 -20.98 13.37
CA LYS A 45 -1.24 -21.67 12.27
C LYS A 45 0.13 -22.22 12.66
N LYS A 46 0.58 -22.00 13.90
CA LYS A 46 1.90 -22.43 14.35
C LYS A 46 1.87 -23.64 15.26
N SER A 47 0.83 -23.79 16.08
CA SER A 47 0.71 -24.94 16.98
C SER A 47 -0.22 -25.98 16.37
N ALA A 48 0.08 -27.25 16.63
CA ALA A 48 -0.86 -28.33 16.33
C ALA A 48 -1.87 -28.40 17.48
N ALA A 49 -1.96 -27.33 18.26
CA ALA A 49 -2.64 -27.34 19.54
C ALA A 49 -3.44 -26.05 19.73
N PRO A 50 -4.54 -26.12 20.49
CA PRO A 50 -5.15 -24.89 21.00
C PRO A 50 -4.17 -24.15 21.89
N VAL A 51 -3.71 -22.98 21.44
CA VAL A 51 -2.62 -22.26 22.09
C VAL A 51 -3.15 -20.97 22.69
N THR A 52 -2.64 -20.62 23.86
CA THR A 52 -2.85 -19.31 24.48
C THR A 52 -1.58 -18.48 24.32
N TYR A 53 -1.67 -17.19 24.64
CA TYR A 53 -0.57 -16.30 24.32
C TYR A 53 -0.30 -15.30 25.44
N ASP A 54 0.97 -14.90 25.53
CA ASP A 54 1.46 -13.84 26.40
C ASP A 54 1.22 -12.48 25.74
N VAL A 55 1.61 -11.42 26.45
CA VAL A 55 1.60 -10.09 25.85
C VAL A 55 2.81 -9.91 24.95
N SER A 56 3.96 -10.45 25.36
CA SER A 56 5.18 -10.35 24.57
C SER A 56 5.01 -10.93 23.17
N GLN A 57 4.02 -11.82 22.97
CA GLN A 57 3.90 -12.48 21.69
C GLN A 57 3.20 -11.60 20.65
N VAL A 58 2.17 -10.85 21.05
CA VAL A 58 1.55 -9.98 20.06
C VAL A 58 2.52 -8.88 19.63
N TYR A 59 3.37 -8.41 20.56
CA TYR A 59 4.40 -7.43 20.21
C TYR A 59 5.46 -8.04 19.30
N GLU A 60 5.91 -9.26 19.61
CA GLU A 60 6.90 -9.92 18.76
C GLU A 60 6.33 -10.21 17.38
N PHE A 61 5.03 -10.53 17.31
CA PHE A 61 4.39 -10.71 16.02
C PHE A 61 4.52 -9.46 15.17
N LEU A 62 4.16 -8.31 15.73
CA LEU A 62 4.21 -7.05 14.98
C LEU A 62 5.63 -6.63 14.66
N ASP A 63 6.61 -7.07 15.46
CA ASP A 63 8.02 -6.78 15.19
C ASP A 63 8.61 -7.68 14.12
N LYS A 64 8.00 -8.82 13.83
CA LYS A 64 8.46 -9.65 12.73
C LYS A 64 8.06 -9.09 11.38
N LEU A 65 7.10 -8.16 11.35
CA LEU A 65 6.79 -7.47 10.11
C LEU A 65 7.89 -6.45 9.81
N SER A 66 8.43 -6.51 8.60
CA SER A 66 9.50 -5.58 8.25
C SER A 66 9.02 -4.14 8.27
N ASP A 67 7.74 -3.93 8.01
CA ASP A 67 7.15 -2.59 8.02
C ASP A 67 5.68 -2.74 8.32
N VAL A 68 5.16 -1.85 9.18
CA VAL A 68 3.71 -1.79 9.38
C VAL A 68 3.34 -0.40 9.86
N SER A 69 2.33 0.21 9.23
CA SER A 69 1.91 1.54 9.61
C SER A 69 0.49 1.75 9.11
N MET A 70 -0.15 2.80 9.60
CA MET A 70 -1.52 3.12 9.24
C MET A 70 -1.63 4.57 8.80
N MET A 71 -2.51 4.80 7.83
CA MET A 71 -2.95 6.13 7.44
C MET A 71 -4.41 6.26 7.84
N ILE A 72 -4.70 7.20 8.73
CA ILE A 72 -6.02 7.32 9.36
C ILE A 72 -6.60 8.68 9.00
N PHE A 73 -7.74 8.66 8.32
CA PHE A 73 -8.38 9.89 7.88
C PHE A 73 -8.93 10.66 9.07
N ASN A 74 -8.57 11.94 9.14
CA ASN A 74 -9.04 12.84 10.19
C ASN A 74 -10.10 13.74 9.56
N ARG A 75 -11.36 13.53 9.94
CA ARG A 75 -12.46 14.25 9.31
C ARG A 75 -12.43 15.74 9.61
N GLU A 76 -11.73 16.15 10.67
CA GLU A 76 -11.64 17.57 10.99
C GLU A 76 -10.70 18.31 10.04
N THR A 77 -9.64 17.65 9.56
CA THR A 77 -8.68 18.26 8.65
C THR A 77 -8.80 17.76 7.21
N GLY A 78 -9.57 16.71 6.96
CA GLY A 78 -9.61 16.13 5.64
C GLY A 78 -8.30 15.53 5.17
N GLN A 79 -7.41 15.17 6.11
CA GLN A 79 -6.10 14.62 5.78
C GLN A 79 -5.87 13.37 6.61
N TYR A 80 -4.91 12.57 6.19
CA TYR A 80 -4.64 11.29 6.83
C TYR A 80 -3.54 11.46 7.87
N ILE A 81 -3.75 10.89 9.06
CA ILE A 81 -2.73 10.88 10.10
C ILE A 81 -1.93 9.58 9.99
N GLY A 82 -0.60 9.69 10.03
CA GLY A 82 0.27 8.55 9.91
C GLY A 82 0.71 8.02 11.27
N ARG A 83 0.41 6.75 11.52
CA ARG A 83 0.78 6.08 12.76
C ARG A 83 1.70 4.93 12.44
N THR A 84 2.78 4.82 13.20
CA THR A 84 3.84 3.85 12.95
C THR A 84 3.76 2.72 13.97
N ARG A 85 4.78 1.85 13.94
CA ARG A 85 4.74 0.59 14.66
C ARG A 85 4.56 0.78 16.16
N ALA A 86 5.22 1.79 16.74
CA ALA A 86 5.12 2.00 18.19
C ALA A 86 3.67 2.25 18.60
N TRP A 87 3.00 3.20 17.93
CA TRP A 87 1.61 3.50 18.23
C TRP A 87 0.71 2.28 18.02
N ILE A 88 0.88 1.58 16.90
CA ILE A 88 0.02 0.45 16.57
C ILE A 88 0.14 -0.64 17.63
N LYS A 89 1.37 -0.91 18.08
CA LYS A 89 1.56 -1.89 19.15
C LYS A 89 0.72 -1.53 20.37
N GLN A 90 0.83 -0.27 20.83
CA GLN A 90 0.04 0.18 21.98
C GLN A 90 -1.44 -0.07 21.75
N GLN A 91 -1.93 0.32 20.58
CA GLN A 91 -3.35 0.17 20.28
C GLN A 91 -3.73 -1.30 20.22
N VAL A 92 -2.99 -2.09 19.45
CA VAL A 92 -3.25 -3.53 19.40
C VAL A 92 -3.20 -4.13 20.81
N TYR A 93 -2.31 -3.62 21.65
CA TYR A 93 -2.23 -4.10 23.02
C TYR A 93 -3.53 -3.81 23.78
N GLU A 94 -3.99 -2.56 23.73
CA GLU A 94 -5.13 -2.23 24.58
C GLU A 94 -6.43 -2.80 24.04
N MET A 95 -6.44 -3.28 22.79
CA MET A 95 -7.59 -3.99 22.25
C MET A 95 -7.57 -5.47 22.63
N MET A 96 -6.39 -6.02 22.84
CA MET A 96 -6.24 -7.42 23.19
C MET A 96 -6.06 -7.70 24.67
N ARG A 97 -7.12 -7.76 25.46
CA ARG A 97 -6.92 -8.09 26.86
C ARG A 97 -8.00 -9.04 27.38
N SER A 124 11.15 -17.00 7.26
CA SER A 124 9.75 -17.07 7.66
C SER A 124 8.82 -16.40 6.63
N GLU A 125 8.31 -17.19 5.70
CA GLU A 125 7.23 -16.74 4.83
C GLU A 125 5.86 -17.10 5.37
N ASP A 126 5.80 -17.87 6.46
CA ASP A 126 4.52 -18.24 7.06
C ASP A 126 3.74 -17.05 7.57
N ILE A 127 4.40 -15.92 7.82
CA ILE A 127 3.67 -14.73 8.27
C ILE A 127 2.92 -14.07 7.11
N LYS A 128 3.44 -14.16 5.89
CA LYS A 128 2.75 -13.57 4.75
C LYS A 128 1.39 -14.22 4.54
N ASP A 129 1.29 -15.53 4.75
CA ASP A 129 0.01 -16.21 4.59
C ASP A 129 -1.00 -15.72 5.61
N SER A 130 -0.55 -15.50 6.84
CA SER A 130 -1.45 -14.97 7.86
C SER A 130 -1.92 -13.56 7.47
N VAL A 131 -1.01 -12.73 6.96
CA VAL A 131 -1.37 -11.36 6.56
C VAL A 131 -2.39 -11.40 5.43
N PHE A 132 -2.12 -12.19 4.39
CA PHE A 132 -2.98 -12.20 3.23
C PHE A 132 -4.35 -12.82 3.52
N LYS A 133 -4.44 -13.69 4.54
CA LYS A 133 -5.71 -14.32 4.86
C LYS A 133 -6.74 -13.27 5.25
N VAL A 134 -6.40 -12.38 6.16
CA VAL A 134 -7.33 -11.35 6.62
C VAL A 134 -7.35 -10.15 5.70
N LEU A 135 -6.17 -9.72 5.23
CA LEU A 135 -6.08 -8.50 4.42
C LEU A 135 -6.92 -8.59 3.16
N HIS A 136 -6.85 -9.73 2.45
CA HIS A 136 -7.37 -9.86 1.10
C HIS A 136 -8.43 -10.95 0.99
N ALA A 137 -9.35 -10.99 1.94
CA ALA A 137 -10.46 -11.93 1.86
C ALA A 137 -11.56 -11.50 2.83
N SER B 4 10.84 16.62 -1.75
CA SER B 4 10.45 17.71 -0.88
C SER B 4 9.34 17.30 0.12
N SER B 5 8.46 16.36 -0.27
CA SER B 5 7.45 15.88 0.66
C SER B 5 7.10 14.42 0.40
N HIS B 6 7.11 13.63 1.47
CA HIS B 6 7.00 12.18 1.40
C HIS B 6 5.64 11.76 0.85
N THR B 7 5.66 10.76 -0.04
CA THR B 7 4.47 10.33 -0.78
C THR B 7 4.34 8.82 -0.73
N VAL B 8 3.14 8.34 -0.42
CA VAL B 8 2.79 6.93 -0.54
C VAL B 8 1.96 6.75 -1.78
N LEU B 9 2.41 5.83 -2.65
CA LEU B 9 1.70 5.49 -3.87
C LEU B 9 0.98 4.16 -3.64
N LEU B 10 -0.36 4.19 -3.72
CA LEU B 10 -1.19 3.01 -3.53
C LEU B 10 -1.69 2.53 -4.89
N ILE B 11 -1.48 1.25 -5.19
CA ILE B 11 -1.95 0.67 -6.44
C ILE B 11 -2.65 -0.64 -6.15
N GLN B 12 -3.75 -0.89 -6.87
CA GLN B 12 -4.34 -2.22 -7.01
C GLN B 12 -4.39 -2.53 -8.51
N THR B 13 -3.54 -3.45 -8.96
CA THR B 13 -3.38 -3.63 -10.41
C THR B 13 -4.63 -4.27 -11.03
N SER B 14 -5.27 -5.19 -10.32
CA SER B 14 -6.40 -5.95 -10.84
C SER B 14 -7.51 -6.02 -9.81
N PRO B 15 -8.70 -6.51 -10.19
CA PRO B 15 -9.79 -6.62 -9.21
C PRO B 15 -9.46 -7.47 -7.98
N ARG B 16 -8.43 -8.31 -8.02
CA ARG B 16 -8.11 -9.15 -6.88
C ARG B 16 -7.57 -8.30 -5.74
N LEU B 17 -8.03 -8.56 -4.51
CA LEU B 17 -7.56 -7.78 -3.37
C LEU B 17 -6.09 -8.02 -3.13
N ASP B 18 -5.62 -9.25 -3.36
CA ASP B 18 -4.21 -9.58 -3.21
C ASP B 18 -3.32 -8.84 -4.21
N SER B 19 -3.90 -8.09 -5.15
CA SER B 19 -3.12 -7.29 -6.08
C SER B 19 -2.86 -5.87 -5.56
N ARG B 20 -3.28 -5.54 -4.34
CA ARG B 20 -3.01 -4.23 -3.78
C ARG B 20 -1.56 -4.17 -3.32
N THR B 21 -0.81 -3.19 -3.81
CA THR B 21 0.58 -3.03 -3.41
C THR B 21 0.89 -1.53 -3.28
N TRP B 22 2.08 -1.23 -2.76
CA TRP B 22 2.40 0.18 -2.54
C TRP B 22 3.90 0.42 -2.61
N GLY B 23 4.25 1.67 -2.88
CA GLY B 23 5.60 2.16 -2.72
C GLY B 23 5.58 3.55 -2.11
N ASP B 24 6.71 3.96 -1.55
CA ASP B 24 6.81 5.30 -1.00
C ASP B 24 8.04 6.01 -1.55
N TYR B 25 7.94 7.34 -1.59
CA TYR B 25 8.89 8.16 -2.34
C TYR B 25 9.20 9.42 -1.54
N GLU B 26 10.40 9.95 -1.74
CA GLU B 26 10.75 11.20 -1.08
C GLU B 26 10.05 12.39 -1.70
N SER B 27 9.34 12.21 -2.81
CA SER B 27 8.88 13.35 -3.59
C SER B 27 7.65 12.96 -4.39
N VAL B 28 6.72 13.91 -4.52
CA VAL B 28 5.61 13.74 -5.44
C VAL B 28 6.12 13.49 -6.84
N THR B 29 7.15 14.23 -7.24
CA THR B 29 7.72 14.06 -8.57
C THR B 29 8.23 12.64 -8.76
N ASP B 30 8.91 12.10 -7.74
CA ASP B 30 9.35 10.71 -7.82
C ASP B 30 8.16 9.77 -8.00
N ALA B 31 7.08 9.99 -7.24
CA ALA B 31 5.93 9.10 -7.35
C ALA B 31 5.29 9.21 -8.73
N LEU B 32 5.15 10.43 -9.26
CA LEU B 32 4.61 10.58 -10.62
C LEU B 32 5.56 9.99 -11.65
N ASP B 33 6.84 10.27 -11.51
CA ASP B 33 7.85 9.66 -12.38
C ASP B 33 7.76 8.13 -12.35
N ALA B 34 7.53 7.56 -11.17
CA ALA B 34 7.40 6.11 -11.06
C ALA B 34 6.24 5.59 -11.90
N LEU B 35 5.10 6.28 -11.88
CA LEU B 35 3.96 5.85 -12.69
C LEU B 35 4.26 5.95 -14.18
N CYS B 36 5.05 6.95 -14.59
CA CYS B 36 5.45 7.07 -15.99
C CYS B 36 6.36 5.93 -16.40
N LYS B 37 7.24 5.50 -15.50
CA LYS B 37 8.12 4.38 -15.83
C LYS B 37 7.35 3.06 -15.84
N MET B 38 6.27 2.96 -15.06
CA MET B 38 5.41 1.79 -15.18
C MET B 38 4.77 1.75 -16.54
N PHE B 39 4.23 2.89 -16.99
CA PHE B 39 3.66 2.94 -18.34
C PHE B 39 4.72 2.63 -19.39
N GLU B 40 5.93 3.22 -19.26
CA GLU B 40 6.95 2.99 -20.27
C GLU B 40 7.33 1.51 -20.34
N ASP B 41 7.41 0.86 -19.18
CA ASP B 41 7.65 -0.58 -19.15
C ASP B 41 6.53 -1.33 -19.84
N PHE B 42 5.28 -0.94 -19.56
CA PHE B 42 4.13 -1.53 -20.22
C PHE B 42 4.18 -1.30 -21.73
N LEU B 43 4.49 -0.07 -22.13
CA LEU B 43 4.57 0.25 -23.56
C LEU B 43 5.61 -0.62 -24.26
N SER B 44 6.77 -0.85 -23.62
CA SER B 44 7.86 -1.58 -24.26
C SER B 44 7.51 -3.04 -24.52
N LYS B 45 6.45 -3.57 -23.91
CA LYS B 45 6.07 -4.94 -24.14
C LYS B 45 5.10 -5.11 -25.30
N LYS B 46 4.65 -4.02 -25.91
CA LYS B 46 3.75 -4.12 -27.05
C LYS B 46 4.48 -4.72 -28.24
N SER B 47 3.75 -5.51 -29.04
CA SER B 47 4.35 -6.28 -30.12
C SER B 47 5.15 -5.39 -31.07
N ALA B 48 4.51 -4.35 -31.61
CA ALA B 48 5.17 -3.48 -32.58
C ALA B 48 4.37 -2.16 -32.59
N ALA B 49 4.93 -1.14 -31.96
CA ALA B 49 4.30 0.15 -31.72
C ALA B 49 5.18 1.24 -32.28
N PRO B 50 4.63 2.44 -32.48
CA PRO B 50 5.48 3.60 -32.79
C PRO B 50 6.40 3.95 -31.62
N VAL B 51 7.43 4.74 -31.93
CA VAL B 51 8.44 5.11 -30.93
C VAL B 51 8.01 6.36 -30.15
N THR B 52 6.77 6.76 -30.29
CA THR B 52 6.28 7.98 -29.66
C THR B 52 4.93 7.68 -29.02
N TYR B 53 4.63 8.34 -27.90
CA TYR B 53 3.34 8.18 -27.27
C TYR B 53 2.76 9.51 -26.83
N ASP B 54 1.44 9.55 -26.80
CA ASP B 54 0.69 10.69 -26.28
C ASP B 54 0.36 10.47 -24.80
N VAL B 55 0.11 11.58 -24.09
CA VAL B 55 -0.36 11.48 -22.70
C VAL B 55 -1.62 10.64 -22.63
N SER B 56 -2.45 10.68 -23.68
CA SER B 56 -3.67 9.90 -23.71
C SER B 56 -3.41 8.41 -23.50
N GLN B 57 -2.25 7.92 -23.92
CA GLN B 57 -1.92 6.53 -23.66
C GLN B 57 -1.52 6.32 -22.19
N VAL B 58 -0.89 7.32 -21.57
CA VAL B 58 -0.61 7.22 -20.15
C VAL B 58 -1.91 7.23 -19.36
N TYR B 59 -2.89 8.02 -19.79
CA TYR B 59 -4.20 7.99 -19.16
C TYR B 59 -4.81 6.59 -19.19
N GLU B 60 -4.83 5.97 -20.36
CA GLU B 60 -5.45 4.65 -20.48
C GLU B 60 -4.71 3.61 -19.67
N PHE B 61 -3.41 3.79 -19.47
CA PHE B 61 -2.69 2.91 -18.57
C PHE B 61 -3.14 3.10 -17.12
N LEU B 62 -3.28 4.36 -16.69
CA LEU B 62 -3.79 4.59 -15.34
C LEU B 62 -5.22 4.09 -15.20
N ASP B 63 -6.00 4.08 -16.29
CA ASP B 63 -7.38 3.59 -16.25
C ASP B 63 -7.47 2.08 -16.19
N LYS B 64 -6.40 1.37 -16.50
CA LYS B 64 -6.42 -0.08 -16.37
C LYS B 64 -6.14 -0.54 -14.95
N LEU B 65 -5.56 0.30 -14.11
CA LEU B 65 -5.42 -0.04 -12.70
C LEU B 65 -6.78 0.03 -12.02
N SER B 66 -7.08 -1.00 -11.21
CA SER B 66 -8.31 -0.98 -10.43
C SER B 66 -8.30 0.15 -9.41
N ASP B 67 -7.14 0.51 -8.92
CA ASP B 67 -6.99 1.55 -7.91
C ASP B 67 -5.61 2.16 -8.02
N VAL B 68 -5.57 3.48 -8.04
CA VAL B 68 -4.31 4.21 -7.88
C VAL B 68 -4.61 5.52 -7.19
N SER B 69 -3.82 5.83 -6.15
CA SER B 69 -3.98 7.05 -5.39
C SER B 69 -2.67 7.38 -4.71
N MET B 70 -2.57 8.61 -4.21
CA MET B 70 -1.38 9.08 -3.50
C MET B 70 -1.75 9.73 -2.17
N MET B 71 -0.90 9.51 -1.18
CA MET B 71 -0.97 10.22 0.09
C MET B 71 0.30 11.06 0.18
N ILE B 72 0.14 12.38 0.17
CA ILE B 72 1.26 13.31 0.07
C ILE B 72 1.42 14.07 1.38
N PHE B 73 2.62 14.06 1.93
CA PHE B 73 2.87 14.68 3.22
C PHE B 73 2.71 16.19 3.13
N ASN B 74 1.88 16.75 4.00
CA ASN B 74 1.69 18.19 4.09
C ASN B 74 2.61 18.70 5.19
N ARG B 75 3.71 19.35 4.80
CA ARG B 75 4.66 19.86 5.78
C ARG B 75 4.06 20.95 6.67
N GLU B 76 2.92 21.51 6.29
CA GLU B 76 2.30 22.53 7.13
C GLU B 76 1.50 21.89 8.26
N THR B 77 0.84 20.76 7.99
CA THR B 77 0.03 20.10 9.00
C THR B 77 0.66 18.84 9.56
N GLY B 78 1.69 18.29 8.93
CA GLY B 78 2.16 16.99 9.35
C GLY B 78 1.22 15.85 9.04
N GLN B 79 0.20 16.07 8.22
CA GLN B 79 -0.69 15.01 7.77
C GLN B 79 -0.59 14.87 6.25
N TYR B 80 -1.25 13.83 5.74
CA TYR B 80 -1.16 13.45 4.34
C TYR B 80 -2.45 13.84 3.62
N ILE B 81 -2.30 14.60 2.54
CA ILE B 81 -3.44 14.88 1.67
C ILE B 81 -3.60 13.72 0.69
N GLY B 82 -4.82 13.19 0.60
CA GLY B 82 -5.08 12.14 -0.35
C GLY B 82 -5.37 12.72 -1.73
N ARG B 83 -4.88 12.03 -2.75
CA ARG B 83 -5.17 12.46 -4.13
C ARG B 83 -5.40 11.26 -5.02
N THR B 84 -6.44 11.36 -5.86
CA THR B 84 -6.98 10.24 -6.61
C THR B 84 -6.61 10.35 -8.07
N ARG B 85 -7.20 9.48 -8.90
CA ARG B 85 -6.66 9.22 -10.24
C ARG B 85 -6.71 10.46 -11.14
N ALA B 86 -7.81 11.22 -11.11
CA ALA B 86 -7.93 12.36 -12.02
C ALA B 86 -6.88 13.43 -11.73
N TRP B 87 -6.59 13.67 -10.45
CA TRP B 87 -5.52 14.60 -10.10
C TRP B 87 -4.18 14.08 -10.57
N ILE B 88 -3.93 12.79 -10.37
CA ILE B 88 -2.67 12.20 -10.79
C ILE B 88 -2.50 12.32 -12.30
N LYS B 89 -3.59 12.13 -13.05
CA LYS B 89 -3.54 12.28 -14.51
C LYS B 89 -3.14 13.71 -14.90
N GLN B 90 -3.73 14.71 -14.25
CA GLN B 90 -3.38 16.08 -14.59
C GLN B 90 -1.93 16.40 -14.23
N GLN B 91 -1.42 15.83 -13.13
CA GLN B 91 -0.03 16.06 -12.77
C GLN B 91 0.91 15.36 -13.73
N VAL B 92 0.63 14.10 -14.08
CA VAL B 92 1.43 13.41 -15.08
C VAL B 92 1.47 14.22 -16.37
N TYR B 93 0.28 14.66 -16.83
CA TYR B 93 0.21 15.48 -18.02
C TYR B 93 1.10 16.71 -17.91
N GLU B 94 1.02 17.40 -16.77
CA GLU B 94 1.86 18.59 -16.58
C GLU B 94 3.34 18.22 -16.62
N MET B 95 3.71 17.10 -16.01
CA MET B 95 5.10 16.65 -16.07
C MET B 95 5.54 16.40 -17.49
N MET B 96 4.66 15.83 -18.32
CA MET B 96 5.07 15.41 -19.66
C MET B 96 5.32 16.60 -20.57
N ARG B 97 4.49 17.65 -20.46
CA ARG B 97 4.73 18.84 -21.27
C ARG B 97 6.07 19.50 -20.94
N GLY B 98 6.55 19.35 -19.71
CA GLY B 98 7.85 19.89 -19.33
C GLY B 98 9.01 19.24 -20.06
N SER B 123 -2.60 -6.50 -20.79
CA SER B 123 -3.10 -7.68 -20.10
C SER B 123 -2.95 -7.55 -18.60
N SER B 124 -3.78 -8.28 -17.85
CA SER B 124 -3.80 -8.10 -16.40
C SER B 124 -2.51 -8.56 -15.75
N GLU B 125 -1.93 -9.67 -16.22
CA GLU B 125 -0.63 -10.10 -15.72
C GLU B 125 0.48 -9.14 -16.16
N ASP B 126 0.39 -8.64 -17.39
CA ASP B 126 1.41 -7.71 -17.88
C ASP B 126 1.38 -6.38 -17.12
N ILE B 127 0.21 -5.97 -16.65
CA ILE B 127 0.10 -4.72 -15.92
C ILE B 127 0.66 -4.85 -14.51
N LYS B 128 0.37 -5.97 -13.83
CA LYS B 128 1.00 -6.22 -12.54
C LYS B 128 2.52 -6.30 -12.69
N ASP B 129 3.00 -6.96 -13.74
CA ASP B 129 4.45 -7.10 -13.91
C ASP B 129 5.12 -5.74 -14.05
N SER B 130 4.54 -4.86 -14.88
CA SER B 130 5.10 -3.53 -15.09
C SER B 130 5.08 -2.69 -13.81
N VAL B 131 4.00 -2.80 -13.02
CA VAL B 131 3.93 -2.08 -11.75
C VAL B 131 5.00 -2.59 -10.80
N PHE B 132 5.04 -3.91 -10.58
CA PHE B 132 5.99 -4.49 -9.64
C PHE B 132 7.44 -4.23 -10.05
N LYS B 133 7.72 -4.25 -11.36
CA LYS B 133 9.10 -4.05 -11.81
C LYS B 133 9.63 -2.69 -11.37
N VAL B 134 8.85 -1.62 -11.56
CA VAL B 134 9.27 -0.28 -11.18
C VAL B 134 9.06 -0.05 -9.67
N LEU B 135 7.86 -0.35 -9.16
CA LEU B 135 7.53 0.01 -7.78
C LEU B 135 8.43 -0.68 -6.77
N HIS B 136 8.95 -1.86 -7.10
CA HIS B 136 9.70 -2.65 -6.13
C HIS B 136 11.15 -2.87 -6.57
N ALA B 137 11.68 -1.99 -7.42
CA ALA B 137 13.06 -2.03 -7.89
C ALA B 137 13.44 -3.39 -8.47
#